data_1N5S
#
_entry.id   1N5S
#
_cell.length_a   47.082
_cell.length_b   59.677
_cell.length_c   71.648
_cell.angle_alpha   90.00
_cell.angle_beta   90.00
_cell.angle_gamma   90.00
#
_symmetry.space_group_name_H-M   'P 21 21 21'
#
loop_
_entity.id
_entity.type
_entity.pdbx_description
1 polymer 'ActVA-Orf6 monooxygenase'
2 non-polymer 2-(2-{2-[2-(2-METHOXY-ETHOXY)-ETHOXY]-ETHOXY}-ETHOXY)-ETHANOL
3 non-polymer '(1,8-DIHYDROXY-9-OXO-9,10-DIHYDRO-ANTHRACEN-2-YL)-ACETIC ACID'
4 water water
#
_entity_poly.entity_id   1
_entity_poly.type   'polypeptide(L)'
_entity_poly.pdbx_seq_one_letter_code
;AEVNDPRVGFVAVVTFPVDGPATQHKLVELATGGVQEWIREVPGFLSATYHASTDGTAVVNYAQWESEQAYRVNFGADPR
SAELREALSSLPGLMGPPKAVFMTPRGAILPS
;
_entity_poly.pdbx_strand_id   A,B
#
loop_
_chem_comp.id
_chem_comp.type
_chem_comp.name
_chem_comp.formula
1PG non-polymer 2-(2-{2-[2-(2-METHOXY-ETHOXY)-ETHOXY]-ETHOXY}-ETHOXY)-ETHANOL 'C11 H24 O6'
ADL non-polymer '(1,8-DIHYDROXY-9-OXO-9,10-DIHYDRO-ANTHRACEN-2-YL)-ACETIC ACID' 'C16 H12 O5'
#
# COMPACT_ATOMS: atom_id res chain seq x y z
N ALA A 1 -1.71 10.80 5.84
CA ALA A 1 -1.06 11.93 5.12
C ALA A 1 -1.07 11.74 3.62
N GLU A 2 -0.95 12.82 2.86
CA GLU A 2 -0.86 12.65 1.39
C GLU A 2 0.14 11.55 1.11
N VAL A 3 -0.03 10.74 0.04
CA VAL A 3 0.87 9.59 -0.14
C VAL A 3 2.31 9.92 -0.44
N ASN A 4 2.54 11.10 -1.00
CA ASN A 4 3.90 11.51 -1.40
C ASN A 4 4.41 12.58 -0.48
N ASP A 5 3.82 12.72 0.72
CA ASP A 5 4.38 13.71 1.65
C ASP A 5 5.76 13.24 2.05
N PRO A 6 6.77 14.12 1.98
CA PRO A 6 8.12 13.89 2.47
C PRO A 6 8.25 13.50 3.93
N ARG A 7 7.30 13.80 4.82
CA ARG A 7 7.37 13.38 6.22
C ARG A 7 7.21 11.85 6.33
N VAL A 8 6.66 11.23 5.27
CA VAL A 8 6.53 9.77 5.35
C VAL A 8 7.88 9.08 5.09
N GLY A 9 8.55 8.65 6.13
CA GLY A 9 9.85 7.99 5.98
C GLY A 9 9.79 6.49 6.08
N PHE A 10 8.64 5.90 6.43
CA PHE A 10 8.61 4.46 6.65
C PHE A 10 7.19 3.92 6.43
N VAL A 11 7.13 2.79 5.72
CA VAL A 11 5.73 2.26 5.51
C VAL A 11 5.77 0.77 5.82
N ALA A 12 4.65 0.27 6.38
CA ALA A 12 4.44 -1.16 6.57
C ALA A 12 3.15 -1.50 5.79
N VAL A 13 3.19 -2.59 5.01
CA VAL A 13 2.05 -3.09 4.28
C VAL A 13 1.78 -4.46 4.88
N VAL A 14 0.66 -4.59 5.63
CA VAL A 14 0.34 -5.80 6.37
C VAL A 14 -0.88 -6.51 5.72
N THR A 15 -0.75 -7.77 5.41
CA THR A 15 -1.83 -8.53 4.71
C THR A 15 -2.30 -9.54 5.68
N PHE A 16 -3.63 -9.58 5.86
CA PHE A 16 -4.30 -10.51 6.76
C PHE A 16 -5.17 -11.43 5.90
N PRO A 17 -4.89 -12.74 5.88
CA PRO A 17 -5.60 -13.70 5.05
C PRO A 17 -6.85 -14.18 5.77
N VAL A 18 -7.99 -14.04 5.09
CA VAL A 18 -9.33 -14.25 5.66
C VAL A 18 -10.12 -15.23 4.74
N ASP A 19 -11.18 -15.73 5.36
CA ASP A 19 -12.01 -16.73 4.68
C ASP A 19 -13.10 -16.22 3.79
N GLY A 20 -13.28 -14.90 3.63
CA GLY A 20 -14.23 -14.37 2.66
C GLY A 20 -14.66 -12.97 3.09
N PRO A 21 -15.53 -12.34 2.30
CA PRO A 21 -15.94 -10.98 2.54
C PRO A 21 -16.57 -10.69 3.85
N ALA A 22 -17.35 -11.64 4.44
CA ALA A 22 -17.95 -11.37 5.75
C ALA A 22 -16.87 -11.15 6.81
N THR A 23 -15.85 -12.01 6.74
CA THR A 23 -14.71 -11.80 7.68
C THR A 23 -13.90 -10.55 7.34
N GLN A 24 -13.75 -10.25 6.03
CA GLN A 24 -13.12 -8.96 5.71
C GLN A 24 -13.81 -7.82 6.44
N HIS A 25 -15.17 -7.81 6.37
CA HIS A 25 -15.91 -6.70 6.93
C HIS A 25 -15.74 -6.65 8.45
N LYS A 26 -15.83 -7.84 9.04
CA LYS A 26 -15.66 -7.90 10.48
C LYS A 26 -14.29 -7.45 10.96
N LEU A 27 -13.23 -7.78 10.24
CA LEU A 27 -11.86 -7.46 10.55
C LEU A 27 -11.64 -5.98 10.46
N VAL A 28 -12.16 -5.30 9.38
CA VAL A 28 -12.02 -3.85 9.34
C VAL A 28 -12.81 -3.19 10.49
N GLU A 29 -14.01 -3.63 10.69
CA GLU A 29 -14.83 -3.13 11.81
C GLU A 29 -14.08 -3.25 13.15
N LEU A 30 -13.43 -4.39 13.37
CA LEU A 30 -12.66 -4.58 14.60
C LEU A 30 -11.52 -3.61 14.65
N ALA A 31 -10.76 -3.48 13.52
CA ALA A 31 -9.58 -2.60 13.54
C ALA A 31 -9.88 -1.13 13.74
N THR A 32 -11.08 -0.74 13.30
CA THR A 32 -11.45 0.67 13.48
C THR A 32 -12.51 0.87 14.55
N GLY A 33 -12.71 -0.16 15.38
CA GLY A 33 -13.79 -0.14 16.37
C GLY A 33 -13.43 0.37 17.75
N GLY A 34 -12.21 0.87 17.89
CA GLY A 34 -11.79 1.49 19.14
C GLY A 34 -10.61 0.84 19.85
N VAL A 35 -10.29 -0.38 19.36
CA VAL A 35 -9.17 -1.13 20.00
C VAL A 35 -7.86 -0.37 19.86
N GLN A 36 -7.64 0.45 18.80
CA GLN A 36 -6.41 1.15 18.62
C GLN A 36 -6.58 2.66 18.65
N GLU A 37 -7.53 3.13 19.48
CA GLU A 37 -7.65 4.58 19.69
C GLU A 37 -6.32 5.19 20.13
N TRP A 38 -5.58 4.49 21.00
CA TRP A 38 -4.32 4.92 21.56
C TRP A 38 -3.23 5.19 20.53
N ILE A 39 -3.31 4.50 19.36
CA ILE A 39 -2.28 4.75 18.38
C ILE A 39 -2.35 6.12 17.72
N ARG A 40 -3.54 6.75 17.64
CA ARG A 40 -3.67 8.01 16.94
C ARG A 40 -2.77 9.14 17.41
N GLU A 41 -2.44 9.16 18.71
CA GLU A 41 -1.60 10.19 19.29
C GLU A 41 -0.12 9.79 19.39
N VAL A 42 0.24 8.58 19.01
CA VAL A 42 1.66 8.18 19.09
C VAL A 42 2.48 9.07 18.22
N PRO A 43 3.58 9.63 18.76
CA PRO A 43 4.46 10.49 18.00
C PRO A 43 4.99 9.71 16.80
N GLY A 44 4.92 10.21 15.59
CA GLY A 44 5.42 9.56 14.38
C GLY A 44 4.38 8.74 13.60
N PHE A 45 3.25 8.44 14.23
CA PHE A 45 2.15 7.66 13.64
C PHE A 45 1.45 8.59 12.67
N LEU A 46 1.39 8.25 11.38
CA LEU A 46 0.77 9.12 10.40
C LEU A 46 -0.56 8.54 9.89
N SER A 47 -0.65 7.22 9.73
CA SER A 47 -1.93 6.67 9.29
C SER A 47 -1.89 5.15 9.12
N ALA A 48 -3.12 4.59 9.23
CA ALA A 48 -3.22 3.12 8.99
C ALA A 48 -4.49 2.98 8.10
N THR A 49 -4.36 2.53 6.84
CA THR A 49 -5.57 2.45 6.01
C THR A 49 -5.86 0.99 5.73
N TYR A 50 -7.08 0.52 6.06
CA TYR A 50 -7.43 -0.90 5.86
C TYR A 50 -8.28 -1.06 4.62
N HIS A 51 -7.91 -2.01 3.79
CA HIS A 51 -8.63 -2.21 2.55
C HIS A 51 -9.17 -3.64 2.51
N ALA A 52 -10.28 -3.85 1.78
CA ALA A 52 -10.69 -5.24 1.53
C ALA A 52 -10.27 -5.62 0.12
N SER A 53 -9.52 -6.67 -0.06
CA SER A 53 -9.12 -7.11 -1.41
C SER A 53 -10.41 -7.44 -2.15
N THR A 54 -10.42 -7.12 -3.44
CA THR A 54 -11.65 -7.34 -4.23
C THR A 54 -11.99 -8.80 -4.33
N ASP A 55 -11.03 -9.74 -4.27
CA ASP A 55 -11.36 -11.15 -4.36
C ASP A 55 -11.85 -11.74 -3.06
N GLY A 56 -12.00 -10.95 -2.00
CA GLY A 56 -12.54 -11.37 -0.73
C GLY A 56 -11.60 -12.14 0.16
N THR A 57 -10.34 -12.34 -0.24
CA THR A 57 -9.44 -13.17 0.55
C THR A 57 -8.55 -12.52 1.58
N ALA A 58 -8.44 -11.17 1.52
CA ALA A 58 -7.48 -10.55 2.46
C ALA A 58 -7.95 -9.14 2.83
N VAL A 59 -7.39 -8.68 3.97
CA VAL A 59 -7.53 -7.32 4.42
C VAL A 59 -6.09 -6.76 4.41
N VAL A 60 -5.93 -5.62 3.77
CA VAL A 60 -4.55 -5.10 3.64
C VAL A 60 -4.53 -3.76 4.35
N ASN A 61 -3.50 -3.58 5.22
CA ASN A 61 -3.27 -2.30 5.88
C ASN A 61 -2.05 -1.61 5.27
N TYR A 62 -2.23 -0.41 4.80
CA TYR A 62 -1.09 0.42 4.32
C TYR A 62 -0.91 1.48 5.43
N ALA A 63 0.23 1.42 6.13
CA ALA A 63 0.47 2.31 7.27
C ALA A 63 1.68 3.21 7.05
N GLN A 64 1.47 4.49 7.27
CA GLN A 64 2.55 5.47 7.10
C GLN A 64 3.12 5.90 8.45
N TRP A 65 4.47 5.95 8.53
CA TRP A 65 5.12 6.31 9.79
C TRP A 65 6.16 7.38 9.47
N GLU A 66 6.48 8.25 10.46
CA GLU A 66 7.46 9.32 10.08
C GLU A 66 8.84 8.73 9.86
N SER A 67 9.13 7.68 10.61
CA SER A 67 10.39 6.95 10.52
C SER A 67 10.33 5.57 11.08
N GLU A 68 11.36 4.75 10.71
CA GLU A 68 11.46 3.45 11.33
C GLU A 68 11.65 3.53 12.83
N GLN A 69 12.48 4.51 13.29
CA GLN A 69 12.66 4.56 14.74
C GLN A 69 11.37 4.84 15.47
N ALA A 70 10.53 5.73 14.89
CA ALA A 70 9.27 6.09 15.57
C ALA A 70 8.35 4.85 15.64
N TYR A 71 8.32 4.12 14.54
CA TYR A 71 7.57 2.87 14.49
C TYR A 71 8.07 1.90 15.54
N ARG A 72 9.40 1.68 15.63
CA ARG A 72 9.96 0.76 16.61
C ARG A 72 9.75 1.16 18.05
N VAL A 73 10.02 2.41 18.37
CA VAL A 73 9.90 2.90 19.74
C VAL A 73 8.49 3.15 20.21
N ASN A 74 7.73 3.84 19.36
CA ASN A 74 6.37 4.25 19.75
C ASN A 74 5.34 3.19 19.43
N PHE A 75 5.60 2.28 18.49
CA PHE A 75 4.63 1.19 18.31
C PHE A 75 5.15 -0.16 18.75
N GLY A 76 6.17 -0.71 18.09
CA GLY A 76 6.66 -2.04 18.42
C GLY A 76 7.10 -2.26 19.86
N ALA A 77 7.72 -1.28 20.51
CA ALA A 77 8.16 -1.41 21.89
C ALA A 77 7.07 -1.11 22.90
N ASP A 78 5.88 -0.70 22.42
CA ASP A 78 4.79 -0.47 23.35
C ASP A 78 4.04 -1.79 23.41
N PRO A 79 3.70 -2.24 24.62
CA PRO A 79 3.05 -3.54 24.83
C PRO A 79 1.64 -3.54 24.28
N ARG A 80 1.05 -2.38 24.13
CA ARG A 80 -0.24 -2.20 23.49
C ARG A 80 -0.20 -2.64 22.02
N SER A 81 0.96 -2.73 21.36
CA SER A 81 1.02 -3.23 19.99
C SER A 81 0.79 -4.74 20.04
N ALA A 82 1.23 -5.35 21.16
CA ALA A 82 0.99 -6.80 21.31
C ALA A 82 -0.48 -7.04 21.63
N GLU A 83 -1.07 -6.14 22.43
CA GLU A 83 -2.48 -6.19 22.71
C GLU A 83 -3.25 -6.13 21.39
N LEU A 84 -2.92 -5.20 20.52
CA LEU A 84 -3.57 -5.05 19.23
C LEU A 84 -3.47 -6.30 18.39
N ARG A 85 -2.23 -6.83 18.29
CA ARG A 85 -2.06 -8.08 17.57
C ARG A 85 -2.97 -9.14 18.15
N GLU A 86 -3.04 -9.34 19.46
CA GLU A 86 -3.91 -10.38 20.01
C GLU A 86 -5.36 -10.16 19.58
N ALA A 87 -5.85 -8.92 19.70
CA ALA A 87 -7.19 -8.55 19.33
C ALA A 87 -7.50 -8.96 17.88
N LEU A 88 -6.62 -8.52 16.97
CA LEU A 88 -6.90 -8.88 15.57
C LEU A 88 -6.69 -10.35 15.31
N SER A 89 -5.85 -11.04 16.11
CA SER A 89 -5.70 -12.47 15.81
C SER A 89 -6.82 -13.32 16.37
N SER A 90 -7.70 -12.78 17.23
CA SER A 90 -8.77 -13.53 17.85
C SER A 90 -9.99 -13.75 17.01
N LEU A 91 -10.11 -13.01 15.90
CA LEU A 91 -11.28 -13.11 15.07
C LEU A 91 -11.49 -14.38 14.34
N PRO A 92 -12.63 -15.03 14.46
CA PRO A 92 -12.98 -16.19 13.65
C PRO A 92 -12.95 -15.80 12.16
N GLY A 93 -12.38 -16.59 11.31
CA GLY A 93 -12.35 -16.25 9.87
C GLY A 93 -10.93 -15.88 9.44
N LEU A 94 -10.06 -15.55 10.39
CA LEU A 94 -8.65 -15.27 10.14
C LEU A 94 -7.92 -16.56 9.88
N MET A 95 -7.34 -16.78 8.70
CA MET A 95 -6.81 -18.06 8.32
C MET A 95 -5.33 -18.31 8.44
N GLY A 96 -4.60 -17.32 8.87
CA GLY A 96 -3.15 -17.47 9.04
C GLY A 96 -2.66 -16.20 9.70
N PRO A 97 -1.40 -16.16 10.13
CA PRO A 97 -0.86 -14.97 10.73
C PRO A 97 -0.70 -13.88 9.65
N PRO A 98 -0.77 -12.63 10.06
CA PRO A 98 -0.55 -11.52 9.18
C PRO A 98 0.91 -11.52 8.64
N LYS A 99 1.02 -11.18 7.40
CA LYS A 99 2.29 -10.99 6.70
C LYS A 99 2.56 -9.52 6.46
N ALA A 100 3.80 -9.12 6.87
CA ALA A 100 4.20 -7.72 6.69
C ALA A 100 5.35 -7.51 5.72
N VAL A 101 5.35 -6.40 5.06
CA VAL A 101 6.47 -5.94 4.22
C VAL A 101 6.78 -4.53 4.69
N PHE A 102 8.08 -4.31 4.99
CA PHE A 102 8.57 -2.98 5.36
C PHE A 102 9.25 -2.25 4.21
N MET A 103 9.08 -0.99 4.03
CA MET A 103 9.52 -0.23 2.87
C MET A 103 9.55 1.29 2.99
N THR A 104 10.28 1.96 2.07
CA THR A 104 10.37 3.43 2.18
C THR A 104 9.90 4.03 0.87
N PRO A 105 9.12 5.09 0.85
CA PRO A 105 8.68 5.72 -0.36
C PRO A 105 9.89 6.22 -1.17
N ARG A 106 9.92 5.96 -2.47
CA ARG A 106 11.09 6.41 -3.24
C ARG A 106 10.79 7.25 -4.46
N GLY A 107 9.54 7.33 -4.87
CA GLY A 107 9.16 8.12 -6.04
C GLY A 107 7.63 8.07 -6.14
N ALA A 108 7.11 9.11 -6.79
CA ALA A 108 5.66 9.16 -6.95
C ALA A 108 5.27 9.88 -8.22
N ILE A 109 4.03 9.59 -8.54
CA ILE A 109 3.39 10.18 -9.72
C ILE A 109 2.08 10.77 -9.20
N LEU A 110 2.01 12.10 -9.26
CA LEU A 110 0.72 12.70 -8.81
C LEU A 110 0.02 13.30 -10.00
N PRO A 111 -1.28 13.56 -9.87
CA PRO A 111 -2.11 13.95 -10.99
C PRO A 111 -1.80 15.35 -11.49
N SER A 112 -2.11 15.52 -12.76
CA SER A 112 -1.88 16.73 -13.53
C SER A 112 -3.29 17.32 -13.78
N ALA B 1 -3.25 11.63 -3.26
CA ALA B 1 -4.40 12.03 -2.41
C ALA B 1 -4.18 11.65 -0.95
N GLU B 2 -4.92 12.32 -0.06
CA GLU B 2 -4.83 11.83 1.34
C GLU B 2 -5.30 10.38 1.28
N VAL B 3 -4.81 9.56 2.19
CA VAL B 3 -5.13 8.15 2.18
C VAL B 3 -6.62 7.91 2.42
N ASN B 4 -7.32 8.82 3.11
CA ASN B 4 -8.72 8.61 3.35
C ASN B 4 -9.62 9.54 2.54
N ASP B 5 -9.05 10.05 1.45
CA ASP B 5 -9.84 10.90 0.53
C ASP B 5 -10.93 10.07 -0.06
N PRO B 6 -12.19 10.46 0.03
CA PRO B 6 -13.33 9.77 -0.50
C PRO B 6 -13.38 9.60 -2.02
N ARG B 7 -12.47 10.28 -2.76
CA ARG B 7 -12.48 9.98 -4.20
C ARG B 7 -11.79 8.65 -4.49
N VAL B 8 -10.96 8.14 -3.54
CA VAL B 8 -10.22 6.91 -3.89
C VAL B 8 -11.16 5.72 -3.75
N GLY B 9 -11.69 5.22 -4.86
CA GLY B 9 -12.62 4.12 -4.84
C GLY B 9 -11.93 2.76 -5.07
N PHE B 10 -10.67 2.83 -5.53
CA PHE B 10 -10.00 1.58 -5.90
C PHE B 10 -8.49 1.73 -5.77
N VAL B 11 -7.86 0.70 -5.24
CA VAL B 11 -6.41 0.73 -5.04
C VAL B 11 -5.71 -0.51 -5.60
N ALA B 12 -4.55 -0.32 -6.24
CA ALA B 12 -3.81 -1.51 -6.67
C ALA B 12 -2.50 -1.45 -5.91
N VAL B 13 -2.04 -2.58 -5.39
CA VAL B 13 -0.72 -2.68 -4.73
C VAL B 13 0.11 -3.69 -5.56
N VAL B 14 1.09 -3.14 -6.32
CA VAL B 14 1.85 -3.94 -7.29
C VAL B 14 3.24 -4.21 -6.80
N THR B 15 3.60 -5.50 -6.64
CA THR B 15 4.93 -5.81 -6.09
C THR B 15 5.82 -6.35 -7.20
N PHE B 16 7.04 -5.83 -7.33
CA PHE B 16 7.97 -6.29 -8.39
C PHE B 16 9.18 -6.88 -7.64
N PRO B 17 9.38 -8.21 -7.69
CA PRO B 17 10.51 -8.85 -7.11
C PRO B 17 11.81 -8.56 -7.86
N VAL B 18 12.82 -8.01 -7.15
CA VAL B 18 14.07 -7.58 -7.78
C VAL B 18 15.28 -8.21 -7.11
N ASP B 19 16.45 -8.18 -7.77
CA ASP B 19 17.59 -8.91 -7.16
C ASP B 19 18.41 -8.10 -6.19
N GLY B 20 18.10 -6.81 -6.04
CA GLY B 20 18.84 -6.02 -5.09
C GLY B 20 18.58 -4.54 -5.12
N PRO B 21 19.18 -3.87 -4.13
CA PRO B 21 19.03 -2.44 -3.99
C PRO B 21 19.33 -1.73 -5.27
N ALA B 22 20.38 -2.09 -6.05
CA ALA B 22 20.65 -1.40 -7.30
C ALA B 22 19.48 -1.44 -8.29
N THR B 23 18.87 -2.61 -8.48
CA THR B 23 17.75 -2.75 -9.39
C THR B 23 16.52 -2.00 -8.84
N GLN B 24 16.37 -1.93 -7.52
CA GLN B 24 15.24 -1.14 -7.00
C GLN B 24 15.31 0.29 -7.52
N HIS B 25 16.48 0.97 -7.43
CA HIS B 25 16.61 2.32 -7.94
C HIS B 25 16.32 2.35 -9.45
N LYS B 26 16.88 1.40 -10.18
CA LYS B 26 16.67 1.31 -11.63
C LYS B 26 15.19 1.23 -12.00
N LEU B 27 14.45 0.42 -11.27
CA LEU B 27 13.01 0.20 -11.52
C LEU B 27 12.18 1.43 -11.20
N VAL B 28 12.44 2.14 -10.14
CA VAL B 28 11.73 3.33 -9.72
C VAL B 28 12.03 4.49 -10.65
N GLU B 29 13.31 4.55 -11.00
CA GLU B 29 13.82 5.53 -11.94
C GLU B 29 13.08 5.35 -13.26
N LEU B 30 13.03 4.12 -13.74
CA LEU B 30 12.31 3.84 -15.00
C LEU B 30 10.83 4.16 -14.82
N ALA B 31 10.13 3.52 -13.87
CA ALA B 31 8.73 3.82 -13.64
C ALA B 31 8.39 5.27 -13.36
N THR B 32 9.20 6.10 -12.72
CA THR B 32 8.84 7.48 -12.44
C THR B 32 9.58 8.41 -13.40
N GLY B 33 10.07 7.81 -14.48
CA GLY B 33 10.85 8.28 -15.56
C GLY B 33 10.66 9.65 -16.12
N GLY B 34 9.46 9.98 -16.58
CA GLY B 34 9.30 11.33 -17.17
C GLY B 34 8.64 11.14 -18.53
N VAL B 35 8.80 9.93 -19.06
CA VAL B 35 8.14 9.56 -20.32
C VAL B 35 6.79 8.95 -19.94
N GLN B 36 6.65 8.65 -18.67
CA GLN B 36 5.49 8.12 -18.02
C GLN B 36 4.51 9.19 -17.56
N GLU B 37 4.73 10.45 -17.89
CA GLU B 37 3.85 11.55 -17.53
C GLU B 37 2.44 11.47 -18.10
N TRP B 38 2.17 10.70 -19.14
CA TRP B 38 0.81 10.58 -19.65
C TRP B 38 -0.13 10.01 -18.58
N ILE B 39 0.43 9.20 -17.64
CA ILE B 39 -0.38 8.60 -16.59
C ILE B 39 -1.05 9.65 -15.71
N ARG B 40 -0.35 10.78 -15.54
CA ARG B 40 -0.90 11.89 -14.74
C ARG B 40 -2.18 12.47 -15.23
N GLU B 41 -2.42 12.44 -16.54
CA GLU B 41 -3.61 12.95 -17.15
C GLU B 41 -4.64 11.90 -17.45
N VAL B 42 -4.39 10.62 -17.00
CA VAL B 42 -5.47 9.65 -17.24
C VAL B 42 -6.69 9.93 -16.39
N PRO B 43 -7.91 9.98 -16.89
CA PRO B 43 -9.12 10.27 -16.14
C PRO B 43 -9.26 9.24 -14.99
N GLY B 44 -9.53 9.67 -13.80
CA GLY B 44 -9.68 8.73 -12.66
C GLY B 44 -8.35 8.44 -12.00
N PHE B 45 -7.17 8.80 -12.53
CA PHE B 45 -5.94 8.49 -11.83
C PHE B 45 -5.78 9.48 -10.65
N LEU B 46 -5.40 8.87 -9.50
CA LEU B 46 -5.15 9.74 -8.33
C LEU B 46 -3.71 9.72 -7.90
N SER B 47 -2.97 8.65 -7.88
CA SER B 47 -1.56 8.68 -7.45
C SER B 47 -0.89 7.34 -7.66
N ALA B 48 0.43 7.34 -7.78
CA ALA B 48 1.20 6.08 -7.86
C ALA B 48 2.38 6.35 -6.92
N THR B 49 2.59 5.58 -5.88
CA THR B 49 3.70 5.87 -4.96
C THR B 49 4.55 4.61 -4.92
N TYR B 50 5.81 4.77 -5.37
CA TYR B 50 6.73 3.67 -5.52
C TYR B 50 7.65 3.61 -4.29
N HIS B 51 7.74 2.42 -3.74
CA HIS B 51 8.53 2.23 -2.52
C HIS B 51 9.62 1.18 -2.75
N ALA B 52 10.74 1.28 -1.99
CA ALA B 52 11.75 0.25 -2.03
C ALA B 52 11.67 -0.54 -0.73
N SER B 53 11.53 -1.89 -0.79
CA SER B 53 11.51 -2.67 0.41
C SER B 53 12.85 -2.44 1.14
N THR B 54 12.77 -2.41 2.43
CA THR B 54 14.03 -2.14 3.17
C THR B 54 15.05 -3.24 2.89
N ASP B 55 14.67 -4.49 2.67
CA ASP B 55 15.58 -5.60 2.43
C ASP B 55 16.21 -5.62 1.04
N GLY B 56 15.85 -4.71 0.15
CA GLY B 56 16.34 -4.58 -1.20
C GLY B 56 15.78 -5.52 -2.22
N THR B 57 14.75 -6.33 -1.87
CA THR B 57 14.27 -7.35 -2.77
C THR B 57 12.99 -7.02 -3.53
N ALA B 58 12.38 -5.88 -3.27
CA ALA B 58 11.09 -5.64 -3.94
C ALA B 58 10.82 -4.16 -4.13
N VAL B 59 10.05 -3.84 -5.15
CA VAL B 59 9.58 -2.47 -5.37
C VAL B 59 8.04 -2.60 -5.29
N VAL B 60 7.48 -1.71 -4.52
CA VAL B 60 6.02 -1.87 -4.30
C VAL B 60 5.37 -0.54 -4.68
N ASN B 61 4.38 -0.64 -5.57
CA ASN B 61 3.65 0.54 -5.99
C ASN B 61 2.24 0.56 -5.35
N TYR B 62 1.97 1.57 -4.53
CA TYR B 62 0.61 1.73 -3.95
C TYR B 62 -0.04 2.75 -4.88
N ALA B 63 -1.10 2.42 -5.61
CA ALA B 63 -1.75 3.32 -6.59
C ALA B 63 -3.22 3.61 -6.29
N GLN B 64 -3.55 4.86 -6.26
CA GLN B 64 -4.92 5.28 -5.95
C GLN B 64 -5.64 5.63 -7.23
N TRP B 65 -6.86 5.11 -7.36
CA TRP B 65 -7.72 5.30 -8.48
C TRP B 65 -9.14 5.67 -8.05
N GLU B 66 -9.85 6.40 -8.96
CA GLU B 66 -11.23 6.69 -8.61
C GLU B 66 -12.11 5.45 -8.65
N SER B 67 -11.81 4.50 -9.52
CA SER B 67 -12.69 3.36 -9.69
C SER B 67 -11.95 2.25 -10.38
N GLU B 68 -12.55 1.01 -10.31
CA GLU B 68 -11.95 -0.06 -11.04
C GLU B 68 -12.02 0.14 -12.56
N GLN B 69 -13.07 0.85 -13.03
CA GLN B 69 -13.05 1.10 -14.51
C GLN B 69 -11.93 2.00 -14.97
N ALA B 70 -11.61 3.07 -14.20
CA ALA B 70 -10.50 3.93 -14.54
C ALA B 70 -9.19 3.24 -14.72
N TYR B 71 -8.86 2.23 -13.86
CA TYR B 71 -7.64 1.54 -13.91
C TYR B 71 -7.66 0.55 -15.11
N ARG B 72 -8.82 -0.13 -15.18
CA ARG B 72 -8.91 -1.22 -16.14
C ARG B 72 -8.94 -0.72 -17.59
N VAL B 73 -9.75 0.27 -17.85
CA VAL B 73 -9.89 0.80 -19.23
C VAL B 73 -9.16 2.10 -19.51
N ASN B 74 -9.44 3.15 -18.72
CA ASN B 74 -8.76 4.45 -19.03
C ASN B 74 -7.27 4.31 -19.09
N PHE B 75 -6.73 3.48 -18.15
CA PHE B 75 -5.34 3.16 -18.07
C PHE B 75 -5.01 1.91 -18.90
N GLY B 76 -5.70 0.85 -18.60
CA GLY B 76 -5.40 -0.49 -19.12
C GLY B 76 -5.68 -0.70 -20.59
N ALA B 77 -6.63 0.04 -21.12
CA ALA B 77 -6.87 -0.08 -22.58
C ALA B 77 -5.97 0.81 -23.35
N ASP B 78 -5.32 1.83 -22.78
CA ASP B 78 -4.38 2.66 -23.51
C ASP B 78 -3.14 1.85 -23.86
N PRO B 79 -2.70 1.82 -25.11
CA PRO B 79 -1.52 1.07 -25.51
C PRO B 79 -0.27 1.35 -24.75
N ARG B 80 -0.08 2.59 -24.23
CA ARG B 80 1.04 3.05 -23.48
C ARG B 80 1.23 2.25 -22.19
N SER B 81 0.14 1.68 -21.71
CA SER B 81 0.22 0.89 -20.48
C SER B 81 0.83 -0.49 -20.86
N ALA B 82 0.48 -0.94 -22.06
CA ALA B 82 1.11 -2.22 -22.49
C ALA B 82 2.60 -1.96 -22.70
N GLU B 83 2.96 -0.83 -23.33
CA GLU B 83 4.32 -0.41 -23.48
C GLU B 83 5.08 -0.39 -22.16
N LEU B 84 4.49 0.30 -21.18
CA LEU B 84 5.07 0.39 -19.85
C LEU B 84 5.27 -1.00 -19.23
N ARG B 85 4.28 -1.89 -19.34
CA ARG B 85 4.44 -3.21 -18.74
C ARG B 85 5.65 -3.96 -19.30
N GLU B 86 5.75 -3.97 -20.62
CA GLU B 86 6.87 -4.63 -21.29
C GLU B 86 8.19 -4.04 -20.82
N ALA B 87 8.32 -2.72 -20.70
CA ALA B 87 9.49 -2.02 -20.25
C ALA B 87 9.97 -2.50 -18.88
N LEU B 88 9.01 -2.53 -17.97
CA LEU B 88 9.25 -3.01 -16.62
C LEU B 88 9.64 -4.48 -16.63
N SER B 89 9.01 -5.35 -17.42
CA SER B 89 9.32 -6.76 -17.47
C SER B 89 10.69 -7.10 -18.07
N SER B 90 11.20 -6.21 -18.91
CA SER B 90 12.47 -6.39 -19.59
C SER B 90 13.66 -5.87 -18.83
N LEU B 91 13.47 -5.20 -17.69
CA LEU B 91 14.62 -4.69 -16.92
C LEU B 91 15.38 -5.85 -16.29
N PRO B 92 16.70 -5.90 -16.43
CA PRO B 92 17.50 -6.96 -15.82
C PRO B 92 17.47 -6.76 -14.31
N GLY B 93 17.53 -7.83 -13.54
CA GLY B 93 17.48 -7.64 -12.09
C GLY B 93 16.09 -8.00 -11.57
N LEU B 94 15.12 -8.15 -12.46
CA LEU B 94 13.79 -8.61 -12.06
C LEU B 94 13.84 -10.11 -11.80
N MET B 95 13.30 -10.53 -10.67
CA MET B 95 13.35 -11.91 -10.23
C MET B 95 12.07 -12.65 -10.59
N GLY B 96 11.12 -11.97 -11.24
CA GLY B 96 9.88 -12.68 -11.58
C GLY B 96 8.86 -11.64 -12.06
N PRO B 97 7.66 -12.06 -12.42
CA PRO B 97 6.62 -11.15 -12.90
C PRO B 97 6.04 -10.34 -11.73
N PRO B 98 5.64 -9.11 -11.97
CA PRO B 98 4.98 -8.31 -10.96
C PRO B 98 3.71 -9.00 -10.53
N LYS B 99 3.35 -8.85 -9.24
CA LYS B 99 2.16 -9.40 -8.65
C LYS B 99 1.27 -8.22 -8.17
N ALA B 100 0.04 -8.18 -8.63
CA ALA B 100 -0.87 -7.13 -8.21
C ALA B 100 -1.97 -7.69 -7.33
N VAL B 101 -2.31 -6.89 -6.30
CA VAL B 101 -3.43 -7.15 -5.40
C VAL B 101 -4.40 -5.96 -5.57
N PHE B 102 -5.69 -6.22 -5.85
CA PHE B 102 -6.61 -5.08 -6.04
C PHE B 102 -7.50 -4.96 -4.83
N MET B 103 -7.86 -3.79 -4.37
CA MET B 103 -8.58 -3.67 -3.11
C MET B 103 -9.32 -2.38 -3.03
N THR B 104 -10.28 -2.32 -2.05
CA THR B 104 -11.03 -1.05 -1.88
C THR B 104 -10.80 -0.50 -0.48
N PRO B 105 -10.49 0.75 -0.24
CA PRO B 105 -10.36 1.32 1.11
C PRO B 105 -11.68 1.15 1.86
N ARG B 106 -11.56 0.67 3.13
CA ARG B 106 -12.74 0.41 3.95
C ARG B 106 -12.65 1.12 5.29
N GLY B 107 -11.48 1.60 5.70
CA GLY B 107 -11.47 2.29 7.00
C GLY B 107 -10.03 2.76 7.26
N ALA B 108 -9.97 3.82 8.05
CA ALA B 108 -8.62 4.38 8.30
C ALA B 108 -8.48 4.88 9.71
N ILE B 109 -7.26 4.73 10.24
CA ILE B 109 -6.96 5.27 11.58
C ILE B 109 -6.00 6.41 11.38
N LEU B 110 -6.45 7.63 11.79
CA LEU B 110 -5.59 8.82 11.56
C LEU B 110 -5.43 9.69 12.79
N PRO B 111 -4.34 10.45 12.89
CA PRO B 111 -4.13 11.33 14.04
C PRO B 111 -5.15 12.45 14.03
N SER B 112 -5.57 12.99 15.17
CA SER B 112 -6.56 14.07 15.22
C SER B 112 -5.86 15.41 14.96
C2 1PG C . -1.02 -0.46 12.14
C1 1PG C . -2.48 -1.94 13.25
O1 1PG C . -2.19 -0.53 13.03
O2 1PG C . 1.35 0.15 12.16
C3 1PG C . 0.01 0.56 12.66
C4 1PG C . 1.10 -1.14 11.51
C5 1PG C . 2.42 -1.82 11.16
O3 1PG C . 2.49 -3.13 11.77
C6 1PG C . 3.83 -3.70 11.64
C7 1PG C . 3.86 -5.20 11.43
O4 1PG C . 2.92 -5.95 12.16
C8 1PG C . 3.02 -7.08 11.76
C9 1PG C . 1.90 -7.89 12.43
O5 1PG C . 0.71 -7.12 12.78
C10 1PG C . -0.04 -7.88 13.81
C11 1PG C . -1.46 -7.34 14.03
O6 1PG C . -1.51 -5.97 13.63
C1 ADL D . 0.30 3.56 -11.94
C2 ADL D . 1.29 2.89 -12.60
C3 ADL D . 1.24 1.47 -12.76
C4 ADL D . 0.14 0.79 -12.18
C5 ADL D . -0.88 1.51 -11.46
C6 ADL D . -0.80 2.87 -11.34
C7 ADL D . 0.02 -0.60 -12.29
C8 ADL D . 1.03 -1.32 -12.96
C9 ADL D . 2.12 -0.65 -13.57
C10 ADL D . 2.24 0.75 -13.45
C11 ADL D . 0.99 -2.75 -12.93
C12 ADL D . 1.98 -3.46 -13.55
C13 ADL D . 3.06 -2.79 -14.22
C14 ADL D . 3.13 -1.42 -14.23
C15 ADL D . 1.93 -4.99 -13.56
C16 ADL D . 0.57 -5.47 -13.96
O1 ADL D . -1.94 0.76 -10.90
O2 ADL D . -0.96 -1.13 -11.78
O3 ADL D . -0.15 -3.34 -12.26
O5 ADL D . 0.06 -5.16 -15.04
O4 ADL D . -0.18 -6.29 -13.20
#